data_9FM4
#
_entry.id   9FM4
#
_entity_poly.entity_id   1
_entity_poly.type   'polyribonucleotide'
_entity_poly.pdbx_seq_one_letter_code
;GGCACUCGGAGUACGAUCGAGUGCC
;
_entity_poly.pdbx_strand_id   A
#